data_7NXE
#
_entry.id   7NXE
#
_cell.length_a   54.66
_cell.length_b   77.03
_cell.length_c   59.96
_cell.angle_alpha   90
_cell.angle_beta   90
_cell.angle_gamma   90
#
_symmetry.space_group_name_H-M   'P 21 21 2'
#
loop_
_entity.id
_entity.type
_entity.pdbx_description
1 polymer 'Isoform 2 of 1-phosphatidylinositol 4,5-bisphosphate phosphodiesterase gamma-1'
2 polymer 'Protein K15'
3 water water
#
loop_
_entity_poly.entity_id
_entity_poly.type
_entity_poly.pdbx_seq_one_letter_code
_entity_poly.pdbx_strand_id
1 'polypeptide(L)'
;HSNEKWFHGKLGAGRDGRHIAERLLTEYCIETGAPDGSFLVRESETFVGDYTLSFWRNGKVQHCRIHSRQDAGTPKFFLT
DNLVFDSLYDLITHYQQVPLRCNEFEMRLSEPVPQTNAHESKEWYHASLTRAQAEHMLMRVPRDGAFLVRKRNEPNSYAI
SFRAEGKIKHCRVQQEGQTVMLGNSEFDSLVDLISYYEKHPLYRKMKLRYPINEEALEKIGTAEPDYG
;
A
2 'polypeptide(L)' DDL(PTR)EEVLFPRN C,D
#
# COMPACT_ATOMS: atom_id res chain seq x y z
N HIS A 1 12.35 -10.48 -1.99
CA HIS A 1 10.90 -10.58 -2.14
C HIS A 1 10.15 -9.40 -1.53
N SER A 2 10.74 -8.69 -0.57
CA SER A 2 10.13 -7.59 0.16
C SER A 2 9.45 -6.48 -0.69
N ASN A 3 10.09 -6.02 -1.79
CA ASN A 3 9.47 -5.00 -2.65
C ASN A 3 8.57 -5.59 -3.75
N GLU A 4 8.39 -6.92 -3.79
CA GLU A 4 7.57 -7.52 -4.84
C GLU A 4 6.12 -7.17 -4.64
N LYS A 5 5.42 -6.86 -5.74
CA LYS A 5 3.99 -6.50 -5.74
C LYS A 5 3.15 -7.45 -4.86
N TRP A 6 3.46 -8.75 -4.99
CA TRP A 6 2.79 -9.87 -4.35
C TRP A 6 3.15 -10.15 -2.91
N PHE A 7 4.27 -9.61 -2.38
CA PHE A 7 4.63 -9.88 -0.98
C PHE A 7 3.93 -8.91 0.01
N HIS A 8 2.97 -9.41 0.77
CA HIS A 8 2.22 -8.60 1.71
C HIS A 8 2.72 -8.67 3.14
N GLY A 9 3.70 -9.52 3.42
CA GLY A 9 4.25 -9.66 4.76
C GLY A 9 3.24 -10.19 5.74
N LYS A 10 3.28 -9.70 6.99
CA LYS A 10 2.33 -10.11 8.01
C LYS A 10 1.03 -9.34 7.82
N LEU A 11 -0.09 -10.03 7.57
CA LEU A 11 -1.37 -9.36 7.40
C LEU A 11 -2.11 -9.22 8.73
N GLY A 12 -2.43 -7.99 9.09
CA GLY A 12 -3.09 -7.70 10.36
C GLY A 12 -2.10 -7.69 11.51
N GLY A 14 -3.19 -10.81 14.21
CA GLY A 14 -2.20 -11.85 14.02
C GLY A 14 -2.73 -13.05 13.25
N ARG A 15 -3.69 -13.76 13.86
CA ARG A 15 -4.31 -14.92 13.21
C ARG A 15 -5.54 -14.55 12.32
N ASP A 16 -5.75 -13.26 12.07
CA ASP A 16 -6.80 -12.81 11.15
C ASP A 16 -6.28 -12.63 9.69
N GLY A 17 -5.00 -12.96 9.46
CA GLY A 17 -4.31 -12.84 8.18
C GLY A 17 -4.87 -13.66 7.04
N ARG A 18 -5.45 -14.82 7.32
CA ARG A 18 -6.07 -15.65 6.29
C ARG A 18 -7.30 -14.91 5.74
N HIS A 19 -8.13 -14.35 6.64
CA HIS A 19 -9.32 -13.61 6.25
C HIS A 19 -8.99 -12.29 5.58
N ILE A 20 -7.93 -11.60 6.04
CA ILE A 20 -7.47 -10.40 5.38
C ILE A 20 -7.02 -10.72 3.93
N ALA A 21 -6.23 -11.79 3.74
CA ALA A 21 -5.77 -12.19 2.40
C ALA A 21 -6.94 -12.54 1.51
N GLU A 22 -7.95 -13.26 2.04
CA GLU A 22 -9.12 -13.59 1.24
C GLU A 22 -9.84 -12.31 0.77
N ARG A 23 -9.96 -11.33 1.67
CA ARG A 23 -10.59 -10.04 1.37
C ARG A 23 -9.78 -9.27 0.34
N LEU A 24 -8.47 -9.13 0.52
CA LEU A 24 -7.62 -8.42 -0.44
C LEU A 24 -7.72 -9.00 -1.86
N LEU A 25 -7.69 -10.35 -1.98
CA LEU A 25 -7.80 -11.03 -3.28
C LEU A 25 -9.16 -10.85 -3.87
N THR A 26 -10.21 -10.97 -3.05
CA THR A 26 -11.58 -10.76 -3.53
C THR A 26 -11.75 -9.35 -4.08
N GLU A 27 -11.22 -8.34 -3.35
CA GLU A 27 -11.33 -6.96 -3.75
C GLU A 27 -10.62 -6.70 -5.05
N TYR A 28 -9.37 -7.09 -5.18
CA TYR A 28 -8.63 -6.93 -6.42
C TYR A 28 -9.30 -7.65 -7.62
N CYS A 29 -9.61 -8.95 -7.44
CA CYS A 29 -10.13 -9.81 -8.47
C CYS A 29 -11.53 -9.43 -8.95
N ILE A 30 -12.45 -9.07 -8.03
CA ILE A 30 -13.80 -8.68 -8.48
C ILE A 30 -13.75 -7.29 -9.16
N GLU A 31 -12.91 -6.39 -8.64
CA GLU A 31 -12.80 -5.01 -9.15
C GLU A 31 -12.21 -4.94 -10.55
N THR A 32 -11.04 -5.56 -10.74
CA THR A 32 -10.29 -5.51 -11.98
C THR A 32 -10.64 -6.58 -13.00
N GLY A 33 -11.43 -7.58 -12.62
CA GLY A 33 -11.76 -8.67 -13.53
C GLY A 33 -10.52 -9.54 -13.74
N ALA A 34 -9.76 -9.78 -12.64
CA ALA A 34 -8.52 -10.55 -12.60
C ALA A 34 -8.71 -12.02 -12.92
N PRO A 35 -7.72 -12.61 -13.60
CA PRO A 35 -7.85 -14.02 -13.98
C PRO A 35 -7.58 -14.97 -12.82
N ASP A 36 -7.90 -16.24 -13.02
CA ASP A 36 -7.58 -17.27 -12.04
C ASP A 36 -6.05 -17.35 -11.85
N GLY A 37 -5.60 -17.63 -10.64
CA GLY A 37 -4.18 -17.67 -10.38
C GLY A 37 -3.63 -16.33 -9.91
N SER A 38 -4.46 -15.27 -9.82
CA SER A 38 -4.01 -13.98 -9.27
C SER A 38 -3.73 -14.24 -7.78
N PHE A 39 -2.59 -13.75 -7.28
CA PHE A 39 -2.10 -14.19 -5.99
C PHE A 39 -1.37 -13.14 -5.14
N LEU A 40 -1.10 -13.53 -3.91
CA LEU A 40 -0.28 -12.79 -2.98
C LEU A 40 0.38 -13.82 -2.06
N VAL A 41 1.47 -13.40 -1.42
CA VAL A 41 2.22 -14.18 -0.47
C VAL A 41 2.25 -13.40 0.84
N ARG A 42 2.03 -14.09 1.93
CA ARG A 42 2.02 -13.48 3.24
C ARG A 42 2.72 -14.41 4.25
N GLU A 43 3.01 -13.90 5.44
CA GLU A 43 3.60 -14.69 6.49
C GLU A 43 2.54 -15.63 7.02
N SER A 44 2.91 -16.91 7.21
CA SER A 44 1.97 -17.87 7.75
C SER A 44 1.71 -17.56 9.22
N GLU A 45 0.45 -17.64 9.60
CA GLU A 45 0.09 -17.43 10.98
C GLU A 45 -0.07 -18.77 11.74
N THR A 46 -0.07 -19.92 11.03
CA THR A 46 -0.13 -21.24 11.65
C THR A 46 1.28 -21.86 11.70
N PHE A 47 2.05 -21.70 10.61
CA PHE A 47 3.40 -22.26 10.57
C PHE A 47 4.39 -21.11 10.63
N VAL A 48 4.86 -20.77 11.83
CA VAL A 48 5.72 -19.63 12.05
C VAL A 48 7.05 -19.73 11.31
N GLY A 49 7.41 -18.67 10.62
CA GLY A 49 8.63 -18.66 9.81
C GLY A 49 8.37 -19.07 8.35
N ASP A 50 7.22 -19.69 8.09
CA ASP A 50 6.80 -20.11 6.77
C ASP A 50 5.92 -19.03 6.10
N TYR A 51 5.60 -19.23 4.83
CA TYR A 51 4.78 -18.29 4.09
C TYR A 51 3.53 -19.00 3.57
N THR A 52 2.51 -18.22 3.19
CA THR A 52 1.30 -18.78 2.63
C THR A 52 1.04 -18.08 1.34
N LEU A 53 0.81 -18.88 0.30
CA LEU A 53 0.48 -18.46 -1.04
C LEU A 53 -1.02 -18.50 -1.10
N SER A 54 -1.66 -17.36 -1.38
CA SER A 54 -3.11 -17.33 -1.52
C SER A 54 -3.43 -16.95 -2.96
N PHE A 55 -4.29 -17.71 -3.64
CA PHE A 55 -4.61 -17.43 -5.03
C PHE A 55 -6.09 -17.57 -5.35
N TRP A 56 -6.51 -16.92 -6.46
CA TRP A 56 -7.88 -16.85 -6.93
C TRP A 56 -8.22 -18.03 -7.78
N ARG A 57 -9.39 -18.63 -7.55
CA ARG A 57 -9.87 -19.76 -8.34
C ARG A 57 -11.39 -19.68 -8.52
N ASN A 58 -11.84 -18.93 -9.54
CA ASN A 58 -13.25 -18.72 -9.93
C ASN A 58 -14.14 -18.28 -8.77
N GLY A 59 -13.70 -17.28 -8.02
CA GLY A 59 -14.48 -16.77 -6.90
C GLY A 59 -14.12 -17.34 -5.56
N LYS A 60 -13.33 -18.41 -5.55
CA LYS A 60 -12.87 -19.03 -4.32
C LYS A 60 -11.36 -18.78 -4.13
N VAL A 61 -10.91 -18.48 -2.89
CA VAL A 61 -9.50 -18.29 -2.59
C VAL A 61 -8.93 -19.62 -2.05
N GLN A 62 -7.79 -20.06 -2.60
CA GLN A 62 -7.11 -21.27 -2.15
C GLN A 62 -5.80 -20.82 -1.46
N HIS A 63 -5.37 -21.56 -0.42
CA HIS A 63 -4.15 -21.24 0.33
C HIS A 63 -3.21 -22.45 0.31
N CYS A 64 -1.94 -22.22 0.08
CA CYS A 64 -0.93 -23.27 -0.02
C CYS A 64 0.25 -22.86 0.83
N ARG A 65 0.76 -23.79 1.63
CA ARG A 65 1.87 -23.51 2.51
C ARG A 65 3.19 -23.48 1.75
N ILE A 66 4.03 -22.45 2.02
CA ILE A 66 5.36 -22.34 1.45
C ILE A 66 6.34 -22.57 2.59
N HIS A 67 7.04 -23.71 2.57
CA HIS A 67 8.02 -24.08 3.61
C HIS A 67 9.32 -23.27 3.45
N SER A 68 9.90 -22.79 4.55
CA SER A 68 11.13 -21.97 4.53
C SER A 68 12.14 -22.55 5.52
N ARG A 69 13.09 -23.37 5.02
CA ARG A 69 14.09 -24.04 5.85
C ARG A 69 15.52 -23.56 5.58
N PRO A 75 18.89 -21.28 2.69
CA PRO A 75 17.53 -20.79 2.36
C PRO A 75 16.83 -21.72 1.40
N LYS A 76 15.88 -22.52 1.90
CA LYS A 76 15.17 -23.49 1.08
C LYS A 76 13.66 -23.19 1.12
N PHE A 77 13.07 -22.81 -0.02
CA PHE A 77 11.64 -22.51 -0.12
C PHE A 77 10.96 -23.57 -1.00
N PHE A 78 9.78 -24.08 -0.59
CA PHE A 78 9.10 -25.09 -1.40
C PHE A 78 7.63 -25.32 -1.07
N LEU A 79 6.86 -25.70 -2.09
CA LEU A 79 5.45 -26.07 -1.93
C LEU A 79 5.39 -27.60 -1.63
N THR A 80 6.17 -28.37 -2.40
CA THR A 80 6.30 -29.81 -2.27
C THR A 80 7.76 -30.18 -2.09
N ASP A 81 8.00 -31.15 -1.20
CA ASP A 81 9.30 -31.71 -0.86
C ASP A 81 10.15 -32.13 -2.09
N ASN A 82 9.54 -32.18 -3.28
CA ASN A 82 10.16 -32.53 -4.55
C ASN A 82 10.89 -31.34 -5.19
N LEU A 83 10.28 -30.14 -5.14
CA LEU A 83 10.86 -28.97 -5.82
C LEU A 83 11.22 -27.79 -4.92
N VAL A 84 12.52 -27.71 -4.56
CA VAL A 84 13.09 -26.71 -3.65
C VAL A 84 13.75 -25.56 -4.41
N PHE A 85 13.52 -24.31 -3.95
CA PHE A 85 14.02 -23.06 -4.52
C PHE A 85 14.88 -22.28 -3.52
N ASP A 86 15.77 -21.41 -4.02
CA ASP A 86 16.63 -20.63 -3.14
C ASP A 86 15.92 -19.41 -2.58
N SER A 87 15.00 -18.82 -3.36
CA SER A 87 14.29 -17.62 -2.92
C SER A 87 12.77 -17.71 -3.17
N LEU A 88 11.99 -16.79 -2.58
CA LEU A 88 10.55 -16.70 -2.81
C LEU A 88 10.28 -16.20 -4.23
N TYR A 89 11.14 -15.32 -4.76
CA TYR A 89 11.01 -14.82 -6.11
C TYR A 89 11.12 -15.98 -7.12
N ASP A 90 12.06 -16.92 -6.90
CA ASP A 90 12.28 -18.05 -7.80
C ASP A 90 11.10 -19.03 -7.75
N LEU A 91 10.54 -19.25 -6.56
CA LEU A 91 9.41 -20.15 -6.40
C LEU A 91 8.21 -19.60 -7.16
N ILE A 92 7.92 -18.29 -6.97
CA ILE A 92 6.80 -17.62 -7.62
C ILE A 92 6.99 -17.56 -9.13
N THR A 93 8.18 -17.16 -9.60
CA THR A 93 8.49 -17.11 -11.03
C THR A 93 8.33 -18.47 -11.70
N HIS A 94 8.80 -19.54 -11.05
CA HIS A 94 8.65 -20.89 -11.59
C HIS A 94 7.18 -21.29 -11.72
N TYR A 95 6.37 -21.01 -10.68
CA TYR A 95 4.96 -21.39 -10.71
C TYR A 95 4.08 -20.43 -11.53
N GLN A 96 4.66 -19.35 -12.10
CA GLN A 96 3.98 -18.51 -13.07
C GLN A 96 4.10 -19.12 -14.49
N GLN A 97 5.13 -19.95 -14.74
CA GLN A 97 5.33 -20.57 -16.06
C GLN A 97 4.89 -22.04 -16.06
N VAL A 98 4.93 -22.70 -14.90
CA VAL A 98 4.56 -24.09 -14.74
C VAL A 98 3.50 -24.20 -13.65
N PRO A 99 2.38 -24.90 -13.91
CA PRO A 99 1.33 -25.00 -12.89
C PRO A 99 1.66 -25.86 -11.67
N LEU A 100 1.07 -25.53 -10.51
CA LEU A 100 1.20 -26.32 -9.28
C LEU A 100 -0.01 -27.27 -9.19
N ARG A 101 0.18 -28.48 -8.65
CA ARG A 101 -0.92 -29.46 -8.63
C ARG A 101 -1.49 -29.83 -7.26
N CYS A 102 -2.80 -30.09 -7.25
CA CYS A 102 -3.61 -30.56 -6.12
C CYS A 102 -4.71 -31.50 -6.64
N ASN A 103 -5.23 -32.38 -5.77
CA ASN A 103 -6.25 -33.36 -6.15
C ASN A 103 -7.59 -32.73 -6.56
N PHE A 105 -7.33 -29.98 -8.92
CA PHE A 105 -7.09 -28.90 -9.87
C PHE A 105 -5.61 -28.57 -10.06
N GLU A 106 -5.28 -28.10 -11.27
CA GLU A 106 -3.95 -27.63 -11.65
C GLU A 106 -4.02 -26.10 -11.75
N MET A 107 -3.01 -25.39 -11.23
CA MET A 107 -3.06 -23.93 -11.27
C MET A 107 -1.73 -23.25 -11.56
N ARG A 108 -1.68 -22.48 -12.63
CA ARG A 108 -0.52 -21.67 -12.95
C ARG A 108 -0.74 -20.27 -12.31
N LEU A 109 0.26 -19.75 -11.56
CA LEU A 109 0.16 -18.42 -10.97
C LEU A 109 0.12 -17.36 -12.09
N SER A 110 -0.72 -16.34 -11.94
CA SER A 110 -0.85 -15.31 -12.97
C SER A 110 -0.48 -13.90 -12.43
N GLU A 111 -1.45 -12.99 -12.15
CA GLU A 111 -1.05 -11.64 -11.76
C GLU A 111 -0.95 -11.39 -10.25
N PRO A 112 0.16 -10.74 -9.85
CA PRO A 112 0.33 -10.37 -8.44
C PRO A 112 -0.71 -9.34 -7.96
N VAL A 113 -1.22 -9.51 -6.75
CA VAL A 113 -2.17 -8.56 -6.17
C VAL A 113 -1.35 -7.56 -5.37
N PRO A 114 -1.19 -6.31 -5.82
CA PRO A 114 -0.33 -5.37 -5.05
C PRO A 114 -0.95 -4.86 -3.76
N GLN A 115 -0.08 -4.40 -2.87
CA GLN A 115 -0.51 -3.83 -1.60
C GLN A 115 -1.02 -2.42 -1.88
N THR A 116 -2.14 -2.02 -1.24
CA THR A 116 -2.69 -0.66 -1.36
C THR A 116 -2.25 0.26 -0.17
N ASN A 117 -1.53 -0.32 0.82
CA ASN A 117 -1.15 0.30 2.07
C ASN A 117 0.33 0.57 2.28
N ALA A 118 1.15 0.64 1.22
CA ALA A 118 2.58 0.92 1.37
C ALA A 118 2.88 2.32 1.96
N HIS A 119 1.87 3.23 1.95
CA HIS A 119 1.99 4.58 2.52
C HIS A 119 2.17 4.54 4.05
N GLU A 120 1.65 3.51 4.73
CA GLU A 120 1.72 3.42 6.19
C GLU A 120 3.13 3.52 6.79
N SER A 121 4.18 3.25 5.99
CA SER A 121 5.56 3.34 6.49
C SER A 121 6.29 4.63 6.05
N LYS A 122 5.63 5.47 5.27
CA LYS A 122 6.24 6.67 4.74
C LYS A 122 6.31 7.76 5.79
N GLU A 123 7.40 8.53 5.77
CA GLU A 123 7.60 9.56 6.78
C GLU A 123 6.51 10.63 6.72
N TRP A 124 5.90 10.87 5.55
CA TRP A 124 4.85 11.88 5.43
C TRP A 124 3.47 11.40 5.86
N TYR A 125 3.31 10.10 6.18
CA TYR A 125 1.98 9.57 6.51
C TYR A 125 1.62 9.55 8.01
N HIS A 126 0.40 10.01 8.35
CA HIS A 126 -0.12 10.01 9.72
C HIS A 126 -1.47 9.31 9.76
N ALA A 127 -1.54 8.15 10.45
CA ALA A 127 -2.79 7.38 10.56
C ALA A 127 -3.81 8.09 11.46
N SER A 128 -3.33 8.91 12.43
CA SER A 128 -4.16 9.68 13.35
C SER A 128 -3.71 11.13 13.41
N LEU A 129 -4.40 11.98 12.68
CA LEU A 129 -4.09 13.39 12.66
C LEU A 129 -5.30 14.17 12.19
N THR A 130 -5.74 15.10 13.02
CA THR A 130 -6.88 15.96 12.76
C THR A 130 -6.50 17.09 11.77
N ARG A 131 -7.51 17.71 11.13
CA ARG A 131 -7.30 18.88 10.27
C ARG A 131 -6.60 20.00 11.08
N ALA A 132 -7.06 20.26 12.32
CA ALA A 132 -6.44 21.26 13.19
C ALA A 132 -5.01 20.89 13.56
N GLN A 133 -4.78 19.60 13.85
CA GLN A 133 -3.48 19.03 14.21
C GLN A 133 -2.46 19.22 13.09
N ALA A 134 -2.83 18.88 11.81
CA ALA A 134 -1.96 19.13 10.65
C ALA A 134 -1.62 20.62 10.45
N GLU A 135 -2.62 21.51 10.59
CA GLU A 135 -2.43 22.96 10.47
C GLU A 135 -1.47 23.46 11.56
N HIS A 136 -1.55 22.90 12.76
CA HIS A 136 -0.65 23.25 13.85
C HIS A 136 0.80 22.90 13.50
N MET A 137 1.05 21.65 13.10
CA MET A 137 2.37 21.19 12.67
C MET A 137 2.90 22.01 11.46
N LEU A 138 2.10 22.17 10.40
CA LEU A 138 2.56 22.88 9.20
C LEU A 138 2.80 24.36 9.43
N MET A 139 2.06 25.04 10.35
CA MET A 139 2.33 26.47 10.63
C MET A 139 3.69 26.68 11.33
N ARG A 140 4.31 25.62 11.86
CA ARG A 140 5.65 25.66 12.44
C ARG A 140 6.75 25.36 11.39
N VAL A 141 6.40 25.14 10.12
CA VAL A 141 7.38 24.86 9.08
C VAL A 141 7.27 25.96 8.03
N PRO A 142 8.09 27.02 8.16
CA PRO A 142 7.96 28.16 7.24
C PRO A 142 8.58 27.94 5.85
N ARG A 143 8.17 26.85 5.19
CA ARG A 143 8.61 26.43 3.88
C ARG A 143 7.35 26.06 3.08
N ASP A 144 7.24 26.60 1.87
CA ASP A 144 6.14 26.25 0.99
C ASP A 144 6.53 24.90 0.37
N GLY A 145 5.55 24.03 0.22
CA GLY A 145 5.83 22.68 -0.21
C GLY A 145 6.01 21.74 0.97
N ALA A 146 5.89 22.23 2.24
CA ALA A 146 5.93 21.31 3.39
C ALA A 146 4.57 20.63 3.36
N PHE A 147 4.55 19.30 3.56
CA PHE A 147 3.29 18.56 3.44
C PHE A 147 3.22 17.35 4.36
N LEU A 148 2.03 16.83 4.53
CA LEU A 148 1.80 15.58 5.22
C LEU A 148 0.52 14.96 4.63
N VAL A 149 0.36 13.67 4.81
CA VAL A 149 -0.85 12.99 4.40
C VAL A 149 -1.44 12.43 5.66
N ARG A 150 -2.74 12.64 5.85
CA ARG A 150 -3.40 12.12 7.03
C ARG A 150 -4.64 11.28 6.68
N LYS A 151 -4.91 10.22 7.44
CA LYS A 151 -6.11 9.43 7.27
C LYS A 151 -7.32 10.30 7.71
N ARG A 152 -8.45 10.21 7.00
CA ARG A 152 -9.67 10.94 7.38
C ARG A 152 -10.64 10.01 8.15
N ASN A 153 -11.77 10.53 8.66
CA ASN A 153 -12.73 9.73 9.42
C ASN A 153 -13.54 8.75 8.55
N GLU A 154 -13.75 9.07 7.27
CA GLU A 154 -14.43 8.15 6.36
C GLU A 154 -13.41 7.05 6.02
N PRO A 155 -13.83 5.77 5.88
CA PRO A 155 -12.86 4.75 5.46
C PRO A 155 -12.42 5.03 4.03
N ASN A 156 -11.16 4.66 3.69
CA ASN A 156 -10.58 4.82 2.37
C ASN A 156 -10.59 6.29 1.91
N SER A 157 -10.37 7.21 2.85
CA SER A 157 -10.34 8.63 2.57
C SER A 157 -9.11 9.22 3.30
N TYR A 158 -8.41 10.14 2.63
CA TYR A 158 -7.21 10.78 3.13
C TYR A 158 -7.23 12.25 2.82
N ALA A 159 -6.29 13.00 3.42
CA ALA A 159 -6.12 14.41 3.08
C ALA A 159 -4.64 14.72 2.98
N ILE A 160 -4.27 15.49 1.99
CA ILE A 160 -2.91 16.01 1.83
C ILE A 160 -2.98 17.44 2.43
N SER A 161 -2.25 17.70 3.50
CA SER A 161 -2.21 19.05 4.07
C SER A 161 -0.87 19.64 3.64
N PHE A 162 -0.89 20.85 3.09
CA PHE A 162 0.33 21.44 2.57
C PHE A 162 0.42 22.93 2.80
N ARG A 163 1.63 23.46 2.75
CA ARG A 163 1.88 24.87 2.92
C ARG A 163 2.09 25.53 1.56
N ALA A 164 1.26 26.54 1.24
CA ALA A 164 1.30 27.25 -0.04
C ALA A 164 0.82 28.69 0.15
N GLU A 165 1.55 29.66 -0.42
CA GLU A 165 1.23 31.10 -0.27
C GLU A 165 1.17 31.52 1.22
N GLY A 166 1.98 30.88 2.06
CA GLY A 166 2.02 31.18 3.50
C GLY A 166 0.86 30.64 4.33
N LYS A 167 -0.06 29.90 3.72
CA LYS A 167 -1.24 29.34 4.37
C LYS A 167 -1.27 27.80 4.21
N ILE A 168 -2.07 27.14 5.03
CA ILE A 168 -2.20 25.70 4.97
C ILE A 168 -3.46 25.36 4.24
N LYS A 169 -3.33 24.59 3.17
CA LYS A 169 -4.46 24.14 2.39
C LYS A 169 -4.55 22.61 2.44
N HIS A 170 -5.73 22.05 2.12
CA HIS A 170 -5.99 20.61 2.20
C HIS A 170 -6.65 20.10 0.92
N CYS A 171 -6.31 18.90 0.50
CA CYS A 171 -6.87 18.23 -0.67
C CYS A 171 -7.43 16.88 -0.18
N ARG A 172 -8.59 16.46 -0.70
CA ARG A 172 -9.18 15.17 -0.34
C ARG A 172 -8.72 14.15 -1.37
N VAL A 173 -8.24 12.97 -0.91
CA VAL A 173 -7.82 11.83 -1.74
C VAL A 173 -8.73 10.67 -1.38
N GLN A 174 -9.33 10.04 -2.38
CA GLN A 174 -10.22 8.92 -2.12
C GLN A 174 -9.64 7.62 -2.63
N GLN A 175 -9.62 6.57 -1.79
CA GLN A 175 -9.22 5.26 -2.25
C GLN A 175 -10.51 4.69 -2.86
N GLU A 176 -10.52 4.47 -4.18
CA GLU A 176 -11.70 3.97 -4.87
C GLU A 176 -11.38 2.58 -5.39
N GLY A 177 -11.59 1.58 -4.55
CA GLY A 177 -11.23 0.22 -4.88
C GLY A 177 -9.73 -0.01 -4.92
N GLN A 178 -9.18 -0.32 -6.10
CA GLN A 178 -7.75 -0.62 -6.26
C GLN A 178 -6.89 0.59 -6.72
N THR A 179 -7.51 1.78 -6.87
CA THR A 179 -6.81 3.00 -7.28
C THR A 179 -7.14 4.19 -6.34
N VAL A 180 -6.38 5.29 -6.43
CA VAL A 180 -6.66 6.48 -5.63
C VAL A 180 -6.98 7.68 -6.56
N MET A 181 -7.96 8.49 -6.14
CA MET A 181 -8.41 9.63 -6.91
C MET A 181 -8.16 10.94 -6.15
N LEU A 182 -7.57 11.91 -6.86
CA LEU A 182 -7.35 13.28 -6.42
C LEU A 182 -7.96 14.11 -7.54
N GLY A 183 -9.21 14.51 -7.30
CA GLY A 183 -10.00 15.23 -8.28
C GLY A 183 -10.30 14.32 -9.45
N ASN A 184 -9.77 14.69 -10.62
CA ASN A 184 -9.93 13.90 -11.84
C ASN A 184 -8.66 13.11 -12.22
N SER A 185 -7.63 13.14 -11.38
CA SER A 185 -6.40 12.41 -11.63
C SER A 185 -6.45 11.07 -10.88
N GLU A 186 -5.99 10.00 -11.56
CA GLU A 186 -6.01 8.66 -11.03
C GLU A 186 -4.62 8.04 -10.95
N PHE A 187 -4.31 7.40 -9.80
CA PHE A 187 -3.04 6.72 -9.57
C PHE A 187 -3.30 5.30 -9.04
N ASP A 188 -2.30 4.42 -9.14
CA ASP A 188 -2.45 3.05 -8.65
C ASP A 188 -2.51 3.00 -7.11
N SER A 189 -1.85 3.96 -6.42
CA SER A 189 -1.84 3.98 -4.96
C SER A 189 -1.50 5.37 -4.42
N LEU A 190 -1.72 5.58 -3.11
CA LEU A 190 -1.40 6.79 -2.38
C LEU A 190 0.13 7.12 -2.54
N VAL A 191 1.02 6.09 -2.44
CA VAL A 191 2.47 6.27 -2.67
C VAL A 191 2.77 6.80 -4.07
N ASP A 192 2.07 6.26 -5.09
CA ASP A 192 2.25 6.70 -6.46
C ASP A 192 1.76 8.15 -6.65
N LEU A 193 0.62 8.51 -6.02
CA LEU A 193 0.06 9.85 -6.09
C LEU A 193 1.05 10.86 -5.52
N ILE A 194 1.61 10.58 -4.31
CA ILE A 194 2.57 11.47 -3.64
C ILE A 194 3.86 11.61 -4.43
N SER A 195 4.40 10.51 -4.96
CA SER A 195 5.62 10.56 -5.77
C SER A 195 5.39 11.39 -7.05
N TYR A 196 4.18 11.35 -7.61
CA TYR A 196 3.87 12.15 -8.82
C TYR A 196 3.84 13.61 -8.48
N TYR A 197 3.23 13.96 -7.33
CA TYR A 197 3.10 15.36 -6.93
C TYR A 197 4.37 15.93 -6.28
N GLU A 198 5.45 15.15 -6.18
CA GLU A 198 6.75 15.69 -5.76
C GLU A 198 7.51 16.21 -7.00
N LYS A 199 7.15 15.75 -8.21
CA LYS A 199 7.76 16.13 -9.47
C LYS A 199 6.83 17.04 -10.31
N HIS A 200 5.52 17.10 -10.00
CA HIS A 200 4.56 17.95 -10.75
C HIS A 200 3.70 18.70 -9.75
N PRO A 201 3.34 19.96 -10.07
CA PRO A 201 2.56 20.75 -9.12
C PRO A 201 1.21 20.17 -8.76
N LEU A 202 0.88 20.23 -7.46
CA LEU A 202 -0.39 19.78 -6.90
C LEU A 202 -1.33 21.00 -6.81
N TYR A 203 -0.79 22.15 -6.38
CA TYR A 203 -1.59 23.33 -6.16
C TYR A 203 -0.82 24.54 -6.70
N ARG A 204 -1.33 25.16 -7.78
CA ARG A 204 -0.65 26.27 -8.46
C ARG A 204 0.74 25.75 -8.97
N LYS A 205 1.88 26.39 -8.64
CA LYS A 205 3.18 25.87 -9.01
C LYS A 205 3.82 25.03 -7.87
N MET A 206 3.14 24.86 -6.71
CA MET A 206 3.68 24.12 -5.56
C MET A 206 3.72 22.64 -5.72
N LYS A 207 4.89 22.06 -5.53
CA LYS A 207 5.10 20.62 -5.51
C LYS A 207 5.24 20.19 -4.05
N LEU A 208 5.06 18.89 -3.78
CA LEU A 208 5.25 18.36 -2.44
C LEU A 208 6.75 18.23 -2.27
N ARG A 209 7.34 19.04 -1.40
CA ARG A 209 8.77 19.09 -1.20
C ARG A 209 9.29 18.62 0.16
N TYR A 210 8.64 19.03 1.27
CA TYR A 210 9.15 18.72 2.61
C TYR A 210 8.22 17.84 3.41
N PRO A 211 8.51 16.53 3.48
CA PRO A 211 7.63 15.61 4.26
C PRO A 211 7.66 15.91 5.76
N ILE A 212 6.50 16.15 6.39
CA ILE A 212 6.48 16.57 7.79
C ILE A 212 5.97 15.51 8.77
N ASN A 213 6.80 15.21 9.76
CA ASN A 213 6.47 14.32 10.87
C ASN A 213 7.14 14.91 12.13
N GLU A 214 7.12 14.20 13.26
CA GLU A 214 7.72 14.71 14.51
C GLU A 214 9.22 14.91 14.38
N GLU A 215 9.93 13.97 13.75
CA GLU A 215 11.37 14.06 13.53
C GLU A 215 11.71 15.28 12.68
N ALA A 216 10.90 15.54 11.64
CA ALA A 216 11.08 16.69 10.78
C ALA A 216 10.90 18.01 11.53
N LEU A 217 9.92 18.09 12.43
CA LEU A 217 9.67 19.32 13.18
C LEU A 217 10.82 19.73 14.10
N GLU A 218 11.56 18.76 14.71
CA GLU A 218 12.68 19.15 15.59
C GLU A 218 13.87 19.69 14.79
N LYS A 219 13.96 19.34 13.50
CA LYS A 219 15.08 19.75 12.67
C LYS A 219 14.80 21.08 11.96
N ILE A 220 13.74 21.14 11.14
CA ILE A 220 13.41 22.29 10.33
C ILE A 220 12.15 23.06 10.78
N GLY A 221 11.71 22.83 12.01
CA GLY A 221 10.52 23.50 12.52
C GLY A 221 10.76 24.48 13.66
N THR A 222 9.78 25.35 13.89
CA THR A 222 9.83 26.31 14.98
C THR A 222 9.06 25.75 16.18
N ALA A 223 9.28 26.33 17.37
CA ALA A 223 8.62 25.84 18.58
C ALA A 223 7.12 26.13 18.56
N GLU A 224 6.75 27.33 18.10
CA GLU A 224 5.36 27.77 18.08
C GLU A 224 4.87 28.14 16.66
N PRO A 225 3.56 27.96 16.39
CA PRO A 225 3.04 28.31 15.07
C PRO A 225 2.96 29.82 14.78
N ASP A 226 2.66 30.18 13.51
CA ASP A 226 2.56 31.58 13.06
C ASP A 226 1.12 32.12 13.16
N ASP B 2 -16.26 25.47 0.55
CA ASP B 2 -15.55 24.21 0.58
C ASP B 2 -14.21 24.31 1.31
N LEU B 3 -14.00 23.38 2.27
CA LEU B 3 -12.80 23.26 3.11
C LEU B 3 -11.59 22.70 2.35
N GLU B 5 -9.34 22.13 -1.29
CA GLU B 5 -9.02 22.65 -2.61
C GLU B 5 -9.38 21.69 -3.75
N GLU B 6 -9.76 22.26 -4.91
CA GLU B 6 -10.05 21.49 -6.11
C GLU B 6 -8.76 21.32 -6.91
N VAL B 7 -8.57 20.14 -7.52
CA VAL B 7 -7.40 19.86 -8.33
C VAL B 7 -7.87 19.35 -9.69
N LEU B 8 -7.44 20.02 -10.77
CA LEU B 8 -7.82 19.62 -12.13
C LEU B 8 -6.58 19.55 -13.03
N GLU C 5 -4.12 -26.43 0.67
CA GLU C 5 -3.85 -27.36 -0.43
C GLU C 5 -5.03 -27.50 -1.41
#